data_8BSQ
#
_entry.id   8BSQ
#
_cell.length_a   60.076
_cell.length_b   71.795
_cell.length_c   78.447
_cell.angle_alpha   90.00
_cell.angle_beta   90.00
_cell.angle_gamma   90.00
#
_symmetry.space_group_name_H-M   'P 21 21 21'
#
loop_
_entity.id
_entity.type
_entity.pdbx_description
1 polymer 'Palmitoleoyl-protein carboxylesterase NOTUM'
2 non-polymer 'SULFATE ION'
3 non-polymer 2-acetamido-2-deoxy-beta-D-glucopyranose
4 non-polymer 'DIMETHYL SULFOXIDE'
5 non-polymer 'ethyl 4-oxidanylidene-4-[4-(trifluoromethyl)-2,3-dihydroindol-1-yl]butanoate'
6 water water
#
_entity_poly.entity_id   1
_entity_poly.type   'polypeptide(L)'
_entity_poly.pdbx_seq_one_letter_code
;ETGSAQQLNEDLRLHLLLNTSVTCNDGSPAGYYLKESRGSRRWLLFLEGGWYCFNRENCDSRYDTMRRLMSSRDWPRTRT
GTGILSSQPEENPYWWNANMVFIPYCSSDVWSGASSKSEKNEYAFMGALIIQEVVRELLGRGLSGAKVLLLAGSSAGGTG
VLLNVDRVAEQLEKLGYPAIQVRGLADSGWFLDNKQYRHTDCVDTITCAPTEAIRRGIRYWNGVVPERCRRQFQEGEEWN
CFFGYKVYPTLRSPVFVVQWLFDEAQLTVDNVHLTGQPVQEGLRLYIQNLGRELRHTLKDVPASFAPACLSHEIIIRSHW
TDVQVKGTSLPRALHCWDRSLHDSHKASKTPLKGCPVHLVDSCPWPHCNPSCPTGTKHHHHHH
;
_entity_poly.pdbx_strand_id   A
#
loop_
_chem_comp.id
_chem_comp.type
_chem_comp.name
_chem_comp.formula
DMS non-polymer 'DIMETHYL SULFOXIDE' 'C2 H6 O S'
NAG D-saccharide, beta linking 2-acetamido-2-deoxy-beta-D-glucopyranose 'C8 H15 N O6'
RDO non-polymer 'ethyl 4-oxidanylidene-4-[4-(trifluoromethyl)-2,3-dihydroindol-1-yl]butanoate' 'C15 H16 F3 N O3'
SO4 non-polymer 'SULFATE ION' 'O4 S -2'
#
# COMPACT_ATOMS: atom_id res chain seq x y z
N ASP A 11 13.27 -15.59 -5.92
CA ASP A 11 13.50 -15.49 -7.36
C ASP A 11 13.41 -14.05 -7.89
N LEU A 12 13.19 -13.08 -7.00
CA LEU A 12 13.40 -11.67 -7.32
C LEU A 12 14.78 -11.28 -6.81
N ARG A 13 15.55 -10.58 -7.64
CA ARG A 13 16.96 -10.32 -7.37
C ARG A 13 17.16 -8.87 -6.93
N LEU A 14 17.99 -8.68 -5.89
CA LEU A 14 18.20 -7.35 -5.33
C LEU A 14 19.05 -6.47 -6.23
N HIS A 15 18.60 -5.24 -6.41
CA HIS A 15 19.40 -4.18 -7.03
C HIS A 15 19.37 -2.99 -6.10
N LEU A 16 20.54 -2.60 -5.57
CA LEU A 16 20.61 -1.36 -4.81
C LEU A 16 20.61 -0.18 -5.77
N LEU A 17 20.02 0.92 -5.34
CA LEU A 17 19.89 2.07 -6.25
C LEU A 17 21.24 2.61 -6.65
N LEU A 18 21.40 2.87 -7.95
CA LEU A 18 22.63 3.45 -8.46
C LEU A 18 22.82 4.88 -7.96
N ASN A 19 21.72 5.59 -7.74
CA ASN A 19 21.76 6.89 -7.08
C ASN A 19 21.80 6.62 -5.58
N THR A 20 23.00 6.61 -5.00
CA THR A 20 23.14 6.23 -3.60
C THR A 20 22.78 7.36 -2.65
N SER A 21 22.37 8.53 -3.16
CA SER A 21 21.79 9.59 -2.34
C SER A 21 20.34 9.32 -1.96
N VAL A 22 19.72 8.31 -2.55
CA VAL A 22 18.36 7.93 -2.22
C VAL A 22 18.48 6.75 -1.27
N THR A 23 18.18 6.99 0.01
CA THR A 23 18.63 6.07 1.04
C THR A 23 17.48 5.63 1.94
N CYS A 24 17.72 4.51 2.61
CA CYS A 24 16.93 4.07 3.75
C CYS A 24 17.18 5.00 4.93
N ASN A 25 16.47 4.75 6.04
CA ASN A 25 16.55 5.64 7.20
C ASN A 25 17.98 5.92 7.63
N ASP A 26 18.84 4.90 7.63
CA ASP A 26 20.18 5.06 8.21
C ASP A 26 21.23 5.51 7.20
N GLY A 27 20.83 5.90 5.99
CA GLY A 27 21.78 6.35 4.98
C GLY A 27 22.30 5.26 4.08
N SER A 28 22.00 3.99 4.36
CA SER A 28 22.35 2.93 3.43
C SER A 28 21.49 3.04 2.17
N PRO A 29 21.97 2.56 1.02
CA PRO A 29 21.20 2.75 -0.21
C PRO A 29 19.88 1.99 -0.16
N ALA A 30 18.84 2.60 -0.69
CA ALA A 30 17.59 1.89 -0.89
C ALA A 30 17.74 0.98 -2.11
N GLY A 31 16.68 0.25 -2.45
CA GLY A 31 16.80 -0.67 -3.56
C GLY A 31 15.47 -1.30 -3.91
N TYR A 32 15.56 -2.35 -4.72
CA TYR A 32 14.39 -3.06 -5.19
C TYR A 32 14.80 -4.47 -5.60
N TYR A 33 13.85 -5.39 -5.56
CA TYR A 33 14.04 -6.74 -6.06
C TYR A 33 13.26 -6.89 -7.36
N LEU A 34 13.88 -7.48 -8.35
CA LEU A 34 13.32 -7.50 -9.70
C LEU A 34 13.35 -8.92 -10.25
N LYS A 35 12.22 -9.35 -10.84
CA LYS A 35 12.19 -10.51 -11.72
C LYS A 35 11.62 -10.04 -13.04
N GLU A 36 12.43 -10.05 -14.09
CA GLU A 36 11.96 -9.63 -15.40
C GLU A 36 11.21 -10.76 -16.08
N SER A 37 10.27 -10.37 -16.95
CA SER A 37 9.56 -11.31 -17.80
C SER A 37 9.69 -10.80 -19.23
N ARG A 38 10.55 -11.47 -20.01
CA ARG A 38 11.03 -10.91 -21.27
C ARG A 38 9.89 -10.52 -22.20
N GLY A 39 8.90 -11.39 -22.35
CA GLY A 39 7.84 -11.06 -23.30
C GLY A 39 6.86 -10.01 -22.85
N SER A 40 6.85 -9.64 -21.57
CA SER A 40 5.71 -8.94 -21.00
C SER A 40 5.89 -7.43 -21.02
N ARG A 41 4.81 -6.72 -21.34
CA ARG A 41 4.75 -5.27 -21.21
C ARG A 41 3.98 -4.82 -19.97
N ARG A 42 3.71 -5.75 -19.04
CA ARG A 42 3.10 -5.39 -17.77
C ARG A 42 4.15 -5.37 -16.67
N TRP A 43 4.07 -4.34 -15.83
CA TRP A 43 4.98 -4.17 -14.70
C TRP A 43 4.19 -4.02 -13.42
N LEU A 44 4.56 -4.79 -12.40
CA LEU A 44 3.96 -4.73 -11.08
C LEU A 44 5.04 -4.26 -10.11
N LEU A 45 4.85 -3.09 -9.52
CA LEU A 45 5.76 -2.55 -8.51
C LEU A 45 5.04 -2.57 -7.18
N PHE A 46 5.54 -3.36 -6.23
CA PHE A 46 4.86 -3.58 -4.96
C PHE A 46 5.60 -2.87 -3.83
N LEU A 47 4.86 -2.06 -3.07
CA LEU A 47 5.38 -1.36 -1.90
C LEU A 47 5.13 -2.16 -0.62
N GLU A 48 6.20 -2.59 0.03
CA GLU A 48 6.08 -3.25 1.32
C GLU A 48 5.54 -2.28 2.38
N GLY A 49 4.87 -2.84 3.39
CA GLY A 49 4.41 -2.09 4.54
C GLY A 49 5.18 -2.40 5.81
N GLY A 50 4.63 -1.93 6.93
CA GLY A 50 5.27 -2.16 8.21
C GLY A 50 5.28 -0.96 9.13
N TRP A 51 4.13 -0.34 9.33
CA TRP A 51 3.96 0.76 10.30
C TRP A 51 4.86 1.94 9.89
N TYR A 52 5.42 2.67 10.85
CA TYR A 52 6.17 3.90 10.62
C TYR A 52 6.74 4.32 11.97
N CYS A 53 7.60 5.34 11.94
CA CYS A 53 8.05 5.97 13.18
C CYS A 53 8.05 7.47 12.97
N PHE A 54 7.93 8.22 14.07
CA PHE A 54 7.65 9.64 13.92
C PHE A 54 8.40 10.59 14.84
N ASN A 55 9.32 10.11 15.67
CA ASN A 55 10.22 10.98 16.42
C ASN A 55 11.53 10.23 16.64
N ARG A 56 12.52 10.94 17.19
CA ARG A 56 13.82 10.32 17.42
C ARG A 56 13.71 9.08 18.29
N GLU A 57 12.94 9.17 19.37
CA GLU A 57 12.89 8.09 20.33
C GLU A 57 12.24 6.82 19.75
N ASN A 58 11.09 6.96 19.08
CA ASN A 58 10.46 5.76 18.55
C ASN A 58 11.16 5.24 17.29
N CYS A 59 11.83 6.11 16.52
CA CYS A 59 12.64 5.60 15.42
C CYS A 59 13.88 4.88 15.93
N ASP A 60 14.49 5.36 17.03
CA ASP A 60 15.61 4.64 17.62
C ASP A 60 15.20 3.25 18.06
N SER A 61 14.01 3.12 18.67
CA SER A 61 13.55 1.80 19.08
CA SER A 61 13.56 1.80 19.08
C SER A 61 13.32 0.89 17.89
N ARG A 62 12.72 1.43 16.82
CA ARG A 62 12.53 0.65 15.61
C ARG A 62 13.87 0.23 15.03
N TYR A 63 14.91 1.07 15.19
CA TYR A 63 16.21 0.71 14.65
C TYR A 63 16.83 -0.48 15.39
N ASP A 64 16.44 -0.68 16.64
CA ASP A 64 17.02 -1.75 17.45
C ASP A 64 16.44 -3.10 17.10
N THR A 65 15.15 -3.16 16.80
CA THR A 65 14.45 -4.42 16.71
C THR A 65 13.69 -4.60 15.41
N MET A 66 13.73 -3.62 14.51
N MET A 66 13.71 -3.62 14.50
CA MET A 66 13.09 -3.68 13.21
CA MET A 66 13.09 -3.70 13.18
C MET A 66 14.01 -3.08 12.16
C MET A 66 14.01 -3.08 12.14
N ARG A 67 15.30 -3.44 12.23
CA ARG A 67 16.31 -2.72 11.46
C ARG A 67 16.17 -2.94 9.96
N ARG A 68 15.67 -4.10 9.52
CA ARG A 68 15.47 -4.30 8.09
C ARG A 68 14.49 -3.30 7.49
N LEU A 69 13.61 -2.71 8.31
CA LEU A 69 12.70 -1.66 7.88
C LEU A 69 13.33 -0.28 7.96
N MET A 70 14.64 -0.20 8.24
CA MET A 70 15.30 1.09 8.34
C MET A 70 16.66 1.10 7.64
N SER A 71 17.01 0.03 6.92
CA SER A 71 18.38 -0.14 6.49
C SER A 71 18.41 -1.26 5.48
N SER A 72 19.30 -1.15 4.49
CA SER A 72 19.53 -2.23 3.53
C SER A 72 20.73 -3.09 3.87
N ARG A 73 21.43 -2.77 4.96
CA ARG A 73 22.72 -3.42 5.24
C ARG A 73 22.58 -4.93 5.36
N ASP A 74 21.43 -5.43 5.81
CA ASP A 74 21.27 -6.85 6.06
C ASP A 74 20.30 -7.51 5.09
N TRP A 75 20.00 -6.86 3.97
CA TRP A 75 19.04 -7.42 3.02
C TRP A 75 19.64 -8.62 2.31
N PRO A 76 18.85 -9.66 2.04
CA PRO A 76 19.35 -10.80 1.28
C PRO A 76 19.40 -10.49 -0.22
N ARG A 77 20.19 -11.31 -0.93
CA ARG A 77 20.41 -11.10 -2.35
C ARG A 77 19.15 -11.37 -3.17
N THR A 78 18.27 -12.24 -2.67
CA THR A 78 17.03 -12.58 -3.38
C THR A 78 15.88 -12.65 -2.40
N ARG A 79 14.67 -12.59 -2.96
CA ARG A 79 13.43 -12.85 -2.23
C ARG A 79 12.54 -13.70 -3.13
N THR A 80 11.69 -14.51 -2.50
CA THR A 80 10.72 -15.31 -3.23
C THR A 80 9.42 -14.53 -3.37
N GLY A 81 8.92 -14.43 -4.60
CA GLY A 81 7.65 -13.77 -4.84
C GLY A 81 6.51 -14.65 -4.42
N THR A 82 5.58 -14.08 -3.64
CA THR A 82 4.41 -14.79 -3.14
C THR A 82 3.15 -14.01 -3.49
N GLY A 83 2.03 -14.73 -3.62
CA GLY A 83 0.77 -14.07 -3.92
C GLY A 83 0.79 -13.42 -5.29
N ILE A 84 0.44 -12.14 -5.34
CA ILE A 84 0.46 -11.40 -6.60
C ILE A 84 1.87 -11.23 -7.14
N LEU A 85 2.90 -11.48 -6.33
CA LEU A 85 4.28 -11.49 -6.79
C LEU A 85 4.78 -12.88 -7.17
N SER A 86 3.93 -13.90 -7.16
CA SER A 86 4.34 -15.21 -7.63
C SER A 86 4.32 -15.25 -9.16
N SER A 87 5.27 -15.99 -9.73
CA SER A 87 5.36 -16.22 -11.16
C SER A 87 4.64 -17.48 -11.61
N GLN A 88 3.98 -18.17 -10.69
CA GLN A 88 3.30 -19.42 -11.02
C GLN A 88 1.82 -19.16 -11.18
N PRO A 89 1.22 -19.56 -12.32
CA PRO A 89 -0.21 -19.27 -12.51
C PRO A 89 -1.08 -19.93 -11.46
N GLU A 90 -0.65 -21.07 -10.90
CA GLU A 90 -1.43 -21.73 -9.86
C GLU A 90 -1.57 -20.86 -8.62
N GLU A 91 -0.53 -20.09 -8.28
CA GLU A 91 -0.59 -19.22 -7.11
C GLU A 91 -1.09 -17.82 -7.46
N ASN A 92 -0.90 -17.40 -8.69
CA ASN A 92 -1.18 -16.03 -9.12
C ASN A 92 -1.91 -16.08 -10.44
N PRO A 93 -3.23 -16.28 -10.41
CA PRO A 93 -4.00 -16.32 -11.67
C PRO A 93 -4.03 -14.99 -12.39
N TYR A 94 -3.67 -13.91 -11.71
CA TYR A 94 -3.87 -12.57 -12.26
C TYR A 94 -2.75 -12.16 -13.21
N TRP A 95 -1.53 -12.01 -12.68
CA TRP A 95 -0.43 -11.37 -13.41
C TRP A 95 0.86 -12.18 -13.29
N TRP A 96 0.75 -13.51 -13.33
CA TRP A 96 1.92 -14.37 -13.10
C TRP A 96 3.05 -14.11 -14.09
N ASN A 97 2.75 -13.64 -15.30
CA ASN A 97 3.77 -13.44 -16.32
C ASN A 97 4.29 -12.01 -16.37
N ALA A 98 3.88 -11.14 -15.46
CA ALA A 98 4.33 -9.77 -15.47
C ALA A 98 5.76 -9.64 -14.98
N ASN A 99 6.40 -8.54 -15.37
CA ASN A 99 7.63 -8.13 -14.70
C ASN A 99 7.27 -7.74 -13.28
N MET A 100 8.02 -8.24 -12.31
CA MET A 100 7.68 -8.05 -10.91
C MET A 100 8.78 -7.34 -10.15
N VAL A 101 8.39 -6.37 -9.34
CA VAL A 101 9.31 -5.56 -8.54
C VAL A 101 8.77 -5.49 -7.12
N PHE A 102 9.60 -5.86 -6.14
CA PHE A 102 9.27 -5.69 -4.73
C PHE A 102 10.18 -4.59 -4.20
N ILE A 103 9.58 -3.51 -3.68
CA ILE A 103 10.35 -2.38 -3.18
C ILE A 103 10.33 -2.46 -1.65
N PRO A 104 11.44 -2.81 -1.01
CA PRO A 104 11.44 -2.89 0.46
C PRO A 104 11.15 -1.54 1.08
N TYR A 105 10.42 -1.59 2.19
CA TYR A 105 10.05 -0.40 2.94
C TYR A 105 11.15 -0.16 3.97
N CYS A 106 11.99 0.83 3.71
CA CYS A 106 13.09 1.13 4.64
C CYS A 106 13.13 2.60 5.02
N SER A 107 12.00 3.30 4.86
CA SER A 107 11.93 4.73 5.13
C SER A 107 10.99 5.12 6.28
N SER A 108 10.16 4.20 6.76
CA SER A 108 9.41 4.40 8.02
C SER A 108 8.50 5.62 7.97
N ASP A 109 8.05 5.99 6.77
CA ASP A 109 7.38 7.27 6.53
C ASP A 109 6.10 7.11 5.72
N VAL A 110 5.52 5.91 5.67
CA VAL A 110 4.35 5.62 4.84
C VAL A 110 4.62 6.01 3.37
N TRP A 111 5.87 5.92 2.94
CA TRP A 111 6.26 6.21 1.57
C TRP A 111 6.06 7.68 1.18
N SER A 112 6.09 8.58 2.16
CA SER A 112 5.78 9.99 1.94
C SER A 112 6.98 10.91 2.03
N GLY A 113 8.14 10.44 2.50
CA GLY A 113 9.19 11.36 2.91
C GLY A 113 10.04 11.86 1.75
N ALA A 114 10.59 13.06 1.95
CA ALA A 114 11.55 13.63 1.02
C ALA A 114 12.60 14.43 1.80
N SER A 115 13.30 13.79 2.73
CA SER A 115 14.32 14.44 3.53
C SER A 115 15.52 13.53 3.71
N SER A 116 16.72 14.12 3.67
CA SER A 116 17.97 13.37 3.78
C SER A 116 18.50 13.39 5.21
N LYS A 117 19.28 12.35 5.53
CA LYS A 117 20.10 12.40 6.73
C LYS A 117 21.15 13.50 6.57
N SER A 118 21.32 14.31 7.61
CA SER A 118 22.20 15.48 7.55
C SER A 118 22.58 15.89 8.97
N GLU A 119 23.29 17.02 9.08
CA GLU A 119 23.69 17.49 10.41
C GLU A 119 22.50 17.84 11.29
N LYS A 120 21.32 18.05 10.69
CA LYS A 120 20.12 18.34 11.46
C LYS A 120 19.17 17.15 11.57
N ASN A 121 19.42 16.08 10.82
CA ASN A 121 18.49 14.94 10.74
C ASN A 121 19.25 13.65 11.01
N GLU A 122 18.88 12.97 12.10
CA GLU A 122 19.50 11.69 12.42
C GLU A 122 19.15 10.62 11.39
N TYR A 123 17.92 10.64 10.87
CA TYR A 123 17.47 9.67 9.89
C TYR A 123 17.04 10.37 8.62
N ALA A 124 17.11 9.63 7.52
CA ALA A 124 16.58 10.06 6.24
C ALA A 124 15.18 9.47 6.08
N PHE A 125 14.25 10.27 5.58
CA PHE A 125 12.90 9.78 5.27
C PHE A 125 12.66 10.07 3.80
N MET A 126 12.87 9.06 2.95
CA MET A 126 12.94 9.29 1.51
C MET A 126 11.94 8.44 0.74
N GLY A 127 10.88 7.96 1.39
CA GLY A 127 9.96 7.04 0.73
C GLY A 127 9.47 7.52 -0.63
N ALA A 128 9.04 8.78 -0.72
CA ALA A 128 8.50 9.26 -2.00
C ALA A 128 9.58 9.30 -3.06
N LEU A 129 10.82 9.60 -2.67
CA LEU A 129 11.93 9.66 -3.62
C LEU A 129 12.43 8.28 -3.98
N ILE A 130 12.32 7.31 -3.06
CA ILE A 130 12.70 5.94 -3.39
C ILE A 130 11.83 5.43 -4.53
N ILE A 131 10.52 5.65 -4.46
CA ILE A 131 9.63 5.21 -5.53
C ILE A 131 10.02 5.86 -6.85
N GLN A 132 10.24 7.17 -6.84
CA GLN A 132 10.61 7.88 -8.06
C GLN A 132 11.92 7.35 -8.65
N GLU A 133 12.90 7.05 -7.78
CA GLU A 133 14.20 6.59 -8.27
C GLU A 133 14.11 5.16 -8.78
N VAL A 134 13.31 4.32 -8.14
CA VAL A 134 13.11 2.97 -8.66
C VAL A 134 12.49 3.02 -10.06
N VAL A 135 11.45 3.84 -10.22
CA VAL A 135 10.83 3.97 -11.55
C VAL A 135 11.86 4.43 -12.57
N ARG A 136 12.65 5.46 -12.23
CA ARG A 136 13.62 5.98 -13.18
C ARG A 136 14.66 4.93 -13.57
N GLU A 137 15.16 4.15 -12.60
CA GLU A 137 16.18 3.17 -12.93
C GLU A 137 15.61 1.97 -13.69
N LEU A 138 14.33 1.66 -13.48
CA LEU A 138 13.69 0.56 -14.20
C LEU A 138 13.47 0.89 -15.67
N LEU A 139 13.35 2.18 -16.01
CA LEU A 139 13.10 2.52 -17.41
C LEU A 139 14.20 1.96 -18.31
N GLY A 140 15.44 1.98 -17.83
CA GLY A 140 16.55 1.40 -18.58
C GLY A 140 16.62 -0.11 -18.56
N ARG A 141 15.77 -0.76 -17.77
CA ARG A 141 15.72 -2.22 -17.68
C ARG A 141 14.45 -2.79 -18.29
N GLY A 142 13.79 -2.05 -19.18
CA GLY A 142 12.62 -2.55 -19.88
C GLY A 142 11.33 -1.83 -19.56
N LEU A 143 11.25 -1.07 -18.46
CA LEU A 143 10.02 -0.35 -18.16
C LEU A 143 9.67 0.66 -19.25
N SER A 144 10.66 1.12 -20.01
CA SER A 144 10.41 2.04 -21.11
C SER A 144 9.47 1.44 -22.15
N GLY A 145 9.40 0.13 -22.24
CA GLY A 145 8.51 -0.53 -23.16
C GLY A 145 7.18 -0.96 -22.57
N ALA A 146 6.84 -0.49 -21.37
CA ALA A 146 5.66 -0.99 -20.69
C ALA A 146 4.38 -0.42 -21.30
N LYS A 147 3.31 -1.21 -21.21
CA LYS A 147 1.94 -0.78 -21.48
C LYS A 147 1.17 -0.43 -20.21
N VAL A 148 1.42 -1.15 -19.12
CA VAL A 148 0.76 -0.90 -17.84
C VAL A 148 1.79 -1.00 -16.73
N LEU A 149 1.77 -0.03 -15.83
CA LEU A 149 2.53 -0.10 -14.57
C LEU A 149 1.50 -0.10 -13.44
N LEU A 150 1.40 -1.20 -12.72
CA LEU A 150 0.51 -1.30 -11.56
C LEU A 150 1.35 -1.09 -10.31
N LEU A 151 1.11 0.02 -9.62
CA LEU A 151 1.76 0.30 -8.34
C LEU A 151 0.86 -0.26 -7.24
N ALA A 152 1.33 -1.32 -6.60
CA ALA A 152 0.59 -2.03 -5.59
C ALA A 152 1.31 -1.92 -4.26
N GLY A 153 0.62 -2.26 -3.18
CA GLY A 153 1.24 -2.18 -1.86
C GLY A 153 0.29 -2.67 -0.79
N SER A 154 0.84 -3.17 0.31
CA SER A 154 0.04 -3.63 1.44
C SER A 154 0.36 -2.82 2.68
N SER A 155 -0.67 -2.57 3.51
CA SER A 155 -0.53 -1.88 4.81
C SER A 155 0.01 -0.48 4.57
N ALA A 156 1.11 -0.07 5.21
CA ALA A 156 1.69 1.24 4.89
C ALA A 156 2.01 1.36 3.41
N GLY A 157 2.35 0.26 2.73
CA GLY A 157 2.53 0.29 1.30
C GLY A 157 1.25 0.55 0.52
N GLY A 158 0.11 0.11 1.06
CA GLY A 158 -1.16 0.43 0.43
C GLY A 158 -1.50 1.90 0.53
N THR A 159 -1.29 2.49 1.70
CA THR A 159 -1.41 3.94 1.81
C THR A 159 -0.39 4.62 0.91
N GLY A 160 0.82 4.04 0.81
CA GLY A 160 1.84 4.58 -0.09
C GLY A 160 1.40 4.63 -1.55
N VAL A 161 0.62 3.64 -1.99
CA VAL A 161 0.04 3.67 -3.34
C VAL A 161 -0.81 4.90 -3.52
N LEU A 162 -1.72 5.14 -2.57
CA LEU A 162 -2.60 6.30 -2.65
C LEU A 162 -1.82 7.60 -2.68
N LEU A 163 -0.71 7.67 -1.93
CA LEU A 163 0.09 8.88 -1.86
C LEU A 163 0.96 9.09 -3.10
N ASN A 164 1.26 8.04 -3.84
CA ASN A 164 2.29 8.13 -4.86
C ASN A 164 1.87 7.79 -6.28
N VAL A 165 0.71 7.15 -6.47
CA VAL A 165 0.36 6.66 -7.81
C VAL A 165 0.31 7.80 -8.82
N ASP A 166 -0.33 8.93 -8.47
CA ASP A 166 -0.40 10.03 -9.43
C ASP A 166 0.96 10.68 -9.66
N ARG A 167 1.85 10.64 -8.66
CA ARG A 167 3.18 11.19 -8.89
C ARG A 167 3.97 10.32 -9.87
N VAL A 168 3.81 9.00 -9.78
CA VAL A 168 4.44 8.12 -10.78
C VAL A 168 3.91 8.43 -12.17
N ALA A 169 2.58 8.62 -12.30
CA ALA A 169 2.00 8.96 -13.59
C ALA A 169 2.56 10.28 -14.11
N GLU A 170 2.65 11.29 -13.25
CA GLU A 170 3.21 12.57 -13.66
C GLU A 170 4.69 12.45 -14.05
N GLN A 171 5.44 11.65 -13.31
CA GLN A 171 6.86 11.47 -13.58
C GLN A 171 7.08 10.84 -14.95
N LEU A 172 6.30 9.80 -15.26
CA LEU A 172 6.46 9.15 -16.57
C LEU A 172 6.03 10.08 -17.69
N GLU A 173 4.98 10.87 -17.49
CA GLU A 173 4.57 11.83 -18.51
C GLU A 173 5.66 12.85 -18.76
N LYS A 174 6.30 13.34 -17.70
CA LYS A 174 7.32 14.36 -17.87
C LYS A 174 8.61 13.77 -18.44
N LEU A 175 8.88 12.50 -18.19
CA LEU A 175 10.02 11.81 -18.78
C LEU A 175 9.78 11.40 -20.23
N GLY A 176 8.57 11.61 -20.77
CA GLY A 176 8.33 11.31 -22.17
C GLY A 176 7.76 9.95 -22.45
N TYR A 177 7.08 9.34 -21.48
CA TYR A 177 6.46 8.02 -21.62
C TYR A 177 4.97 8.12 -21.37
N PRO A 178 4.23 8.88 -22.18
CA PRO A 178 2.80 9.06 -21.92
C PRO A 178 1.96 7.82 -22.21
N ALA A 179 2.51 6.82 -22.91
CA ALA A 179 1.74 5.62 -23.23
C ALA A 179 1.71 4.60 -22.11
N ILE A 180 2.54 4.73 -21.08
CA ILE A 180 2.49 3.77 -19.98
C ILE A 180 1.28 4.11 -19.12
N GLN A 181 0.36 3.16 -18.97
CA GLN A 181 -0.83 3.37 -18.17
C GLN A 181 -0.50 3.05 -16.73
N VAL A 182 -0.53 4.07 -15.86
CA VAL A 182 -0.25 3.89 -14.44
C VAL A 182 -1.56 3.67 -13.69
N ARG A 183 -1.59 2.63 -12.86
CA ARG A 183 -2.74 2.26 -12.05
C ARG A 183 -2.25 1.92 -10.65
N GLY A 184 -3.17 1.96 -9.68
CA GLY A 184 -2.83 1.63 -8.30
C GLY A 184 -3.66 0.49 -7.75
N LEU A 185 -3.05 -0.28 -6.84
CA LEU A 185 -3.71 -1.35 -6.10
C LEU A 185 -3.34 -1.19 -4.64
N ALA A 186 -4.27 -0.70 -3.84
CA ALA A 186 -3.99 -0.33 -2.45
C ALA A 186 -4.64 -1.36 -1.54
N ASP A 187 -3.82 -2.17 -0.88
CA ASP A 187 -4.27 -3.28 -0.04
C ASP A 187 -4.05 -2.92 1.42
N SER A 188 -5.12 -2.91 2.22
CA SER A 188 -5.00 -2.74 3.67
C SER A 188 -4.38 -1.41 4.05
N GLY A 189 -4.61 -0.39 3.23
CA GLY A 189 -4.10 0.95 3.51
C GLY A 189 -5.19 1.99 3.57
N TRP A 190 -6.44 1.56 3.76
CA TRP A 190 -7.62 2.42 3.71
C TRP A 190 -8.16 2.50 5.14
N PHE A 191 -7.73 3.52 5.88
CA PHE A 191 -8.01 3.65 7.29
C PHE A 191 -9.02 4.75 7.57
N LEU A 192 -9.65 4.67 8.74
CA LEU A 192 -10.62 5.66 9.18
C LEU A 192 -10.05 6.45 10.35
N ASP A 193 -10.18 7.77 10.28
CA ASP A 193 -9.83 8.63 11.42
C ASP A 193 -11.03 8.73 12.38
N ASN A 194 -11.42 7.58 12.92
CA ASN A 194 -12.61 7.47 13.74
C ASN A 194 -12.28 7.63 15.22
N LYS A 195 -13.32 7.62 16.06
CA LYS A 195 -13.13 7.63 17.49
C LYS A 195 -12.65 6.27 17.97
N GLN A 196 -11.67 6.26 18.85
CA GLN A 196 -11.19 5.02 19.45
C GLN A 196 -12.26 4.43 20.37
N TYR A 197 -12.20 3.11 20.53
CA TYR A 197 -13.09 2.43 21.46
C TYR A 197 -12.79 2.81 22.90
N ARG A 198 -11.50 2.90 23.26
CA ARG A 198 -11.03 3.53 24.48
C ARG A 198 -9.86 4.43 24.13
N HIS A 199 -9.66 5.47 24.93
CA HIS A 199 -8.59 6.42 24.62
C HIS A 199 -7.28 6.10 25.35
N CYS A 208 -1.54 4.44 19.15
CA CYS A 208 -1.72 5.89 19.13
C CYS A 208 -2.86 6.29 18.21
N ALA A 209 -3.47 7.44 18.47
CA ALA A 209 -4.46 7.98 17.57
C ALA A 209 -3.77 8.29 16.25
N PRO A 210 -4.19 7.66 15.15
CA PRO A 210 -3.50 7.86 13.86
C PRO A 210 -3.25 9.31 13.47
N THR A 211 -4.24 10.18 13.70
CA THR A 211 -4.15 11.54 13.16
C THR A 211 -2.98 12.32 13.76
N GLU A 212 -2.76 12.18 15.07
CA GLU A 212 -1.73 12.97 15.72
C GLU A 212 -0.33 12.48 15.34
N ALA A 213 -0.14 11.17 15.27
CA ALA A 213 1.17 10.62 14.94
C ALA A 213 1.57 10.96 13.51
N ILE A 214 0.61 10.90 12.58
CA ILE A 214 0.89 11.28 11.19
C ILE A 214 1.14 12.78 11.07
N ARG A 215 0.38 13.59 11.82
CA ARG A 215 0.67 15.02 11.88
C ARG A 215 2.12 15.25 12.28
N ARG A 216 2.57 14.58 13.35
CA ARG A 216 3.96 14.70 13.78
C ARG A 216 4.92 14.14 12.73
N GLY A 217 4.58 12.98 12.16
CA GLY A 217 5.46 12.36 11.18
C GLY A 217 5.71 13.21 9.96
N ILE A 218 4.65 13.83 9.42
CA ILE A 218 4.81 14.68 8.23
C ILE A 218 5.88 15.75 8.43
N ARG A 219 5.89 16.40 9.60
CA ARG A 219 6.93 17.39 9.85
C ARG A 219 8.29 16.74 10.03
N TYR A 220 8.34 15.62 10.75
CA TYR A 220 9.60 14.93 11.00
C TYR A 220 10.21 14.39 9.71
N TRP A 221 9.36 13.96 8.78
CA TRP A 221 9.82 13.30 7.56
C TRP A 221 9.98 14.26 6.38
N ASN A 222 9.47 15.49 6.49
CA ASN A 222 9.19 16.32 5.33
C ASN A 222 8.28 15.56 4.36
N GLY A 223 7.16 15.06 4.89
CA GLY A 223 6.27 14.23 4.11
C GLY A 223 5.54 15.04 3.04
N VAL A 224 5.31 14.39 1.91
CA VAL A 224 4.62 15.00 0.79
C VAL A 224 3.38 14.18 0.46
N VAL A 225 2.36 14.88 -0.03
CA VAL A 225 1.06 14.28 -0.34
C VAL A 225 0.68 14.69 -1.75
N PRO A 226 -0.29 14.01 -2.36
CA PRO A 226 -0.66 14.36 -3.73
C PRO A 226 -1.16 15.80 -3.84
N GLU A 227 -0.88 16.42 -4.99
CA GLU A 227 -1.04 17.86 -5.13
C GLU A 227 -2.48 18.31 -4.94
N ARG A 228 -3.44 17.62 -5.57
CA ARG A 228 -4.82 18.09 -5.47
C ARG A 228 -5.34 17.96 -4.04
N CYS A 229 -4.96 16.88 -3.38
CA CYS A 229 -5.32 16.72 -1.97
C CYS A 229 -4.66 17.79 -1.12
N ARG A 230 -3.37 18.05 -1.36
CA ARG A 230 -2.68 19.12 -0.65
C ARG A 230 -3.39 20.47 -0.80
N ARG A 231 -3.87 20.77 -2.01
CA ARG A 231 -4.51 22.06 -2.26
C ARG A 231 -5.87 22.15 -1.60
N GLN A 232 -6.54 21.01 -1.39
CA GLN A 232 -7.81 21.03 -0.66
C GLN A 232 -7.58 21.30 0.82
N PHE A 233 -6.68 20.54 1.45
CA PHE A 233 -6.55 20.61 2.90
C PHE A 233 -5.60 21.69 3.37
N GLN A 234 -4.61 22.05 2.56
CA GLN A 234 -3.66 23.15 2.82
C GLN A 234 -2.72 22.94 3.99
N GLU A 235 -1.90 23.95 4.26
CA GLU A 235 -0.80 23.81 5.20
C GLU A 235 -1.29 23.44 6.59
N GLY A 236 -0.59 22.50 7.23
CA GLY A 236 -0.95 22.04 8.55
C GLY A 236 -2.00 20.95 8.57
N GLU A 237 -2.68 20.71 7.45
CA GLU A 237 -3.77 19.74 7.40
C GLU A 237 -3.48 18.61 6.41
N GLU A 238 -2.25 18.47 5.94
CA GLU A 238 -1.97 17.46 4.93
C GLU A 238 -2.06 16.04 5.48
N TRP A 239 -2.06 15.87 6.81
CA TRP A 239 -2.32 14.56 7.39
C TRP A 239 -3.62 13.95 6.87
N ASN A 240 -4.59 14.79 6.50
CA ASN A 240 -5.87 14.28 5.98
C ASN A 240 -5.66 13.40 4.76
N CYS A 241 -4.62 13.67 3.98
CA CYS A 241 -4.39 12.94 2.73
C CYS A 241 -3.86 11.54 2.94
N PHE A 242 -3.52 11.16 4.19
CA PHE A 242 -3.13 9.80 4.49
C PHE A 242 -4.33 8.89 4.70
N PHE A 243 -5.54 9.44 4.65
CA PHE A 243 -6.77 8.69 4.89
C PHE A 243 -7.45 8.47 3.56
N GLY A 244 -7.55 7.20 3.17
CA GLY A 244 -7.96 6.84 1.82
C GLY A 244 -9.24 7.52 1.35
N TYR A 245 -10.27 7.54 2.19
CA TYR A 245 -11.55 8.10 1.74
C TYR A 245 -11.47 9.58 1.43
N LYS A 246 -10.44 10.28 1.93
CA LYS A 246 -10.24 11.69 1.65
C LYS A 246 -9.29 11.90 0.46
N VAL A 247 -8.27 11.07 0.31
CA VAL A 247 -7.32 11.27 -0.77
C VAL A 247 -7.82 10.64 -2.07
N TYR A 248 -8.47 9.48 -1.99
CA TYR A 248 -8.94 8.79 -3.20
C TYR A 248 -9.73 9.67 -4.17
N PRO A 249 -10.71 10.46 -3.74
CA PRO A 249 -11.48 11.26 -4.71
C PRO A 249 -10.65 12.28 -5.45
N THR A 250 -9.46 12.61 -4.95
CA THR A 250 -8.60 13.60 -5.60
C THR A 250 -7.70 12.98 -6.67
N LEU A 251 -7.65 11.66 -6.75
CA LEU A 251 -6.69 10.98 -7.63
C LEU A 251 -7.24 10.81 -9.04
N ARG A 252 -6.33 10.88 -10.00
CA ARG A 252 -6.71 10.67 -11.40
C ARG A 252 -6.42 9.27 -11.92
N SER A 253 -5.40 8.60 -11.41
CA SER A 253 -5.10 7.25 -11.87
C SER A 253 -6.15 6.28 -11.35
N PRO A 254 -6.51 5.26 -12.13
CA PRO A 254 -7.40 4.21 -11.63
C PRO A 254 -6.76 3.50 -10.44
N VAL A 255 -7.52 3.35 -9.35
CA VAL A 255 -7.05 2.68 -8.14
C VAL A 255 -8.06 1.64 -7.70
N PHE A 256 -7.59 0.40 -7.54
CA PHE A 256 -8.40 -0.68 -6.98
C PHE A 256 -8.11 -0.75 -5.49
N VAL A 257 -9.15 -0.72 -4.65
CA VAL A 257 -8.99 -0.67 -3.20
C VAL A 257 -9.34 -2.05 -2.63
N VAL A 258 -8.38 -2.67 -1.95
CA VAL A 258 -8.62 -3.92 -1.22
C VAL A 258 -8.56 -3.59 0.27
N GLN A 259 -9.63 -3.90 1.01
CA GLN A 259 -9.64 -3.57 2.43
C GLN A 259 -10.54 -4.53 3.20
N TRP A 260 -9.97 -5.25 4.16
CA TRP A 260 -10.80 -5.99 5.09
C TRP A 260 -11.70 -5.02 5.84
N LEU A 261 -12.98 -5.39 6.02
CA LEU A 261 -13.88 -4.48 6.71
C LEU A 261 -13.51 -4.32 8.17
N PHE A 262 -12.87 -5.33 8.76
CA PHE A 262 -12.49 -5.28 10.16
C PHE A 262 -10.98 -5.48 10.23
N ASP A 263 -10.25 -4.51 9.70
CA ASP A 263 -8.82 -4.64 9.59
C ASP A 263 -8.15 -4.63 10.97
N GLU A 264 -7.22 -5.57 11.20
CA GLU A 264 -6.59 -5.69 12.51
C GLU A 264 -5.83 -4.43 12.89
N ALA A 265 -5.16 -3.78 11.93
CA ALA A 265 -4.43 -2.55 12.24
C ALA A 265 -5.40 -1.43 12.61
N GLN A 266 -6.53 -1.34 11.92
CA GLN A 266 -7.56 -0.36 12.28
C GLN A 266 -8.05 -0.60 13.70
N LEU A 267 -8.33 -1.86 14.05
CA LEU A 267 -8.78 -2.16 15.40
C LEU A 267 -7.69 -1.84 16.42
N THR A 268 -6.42 -2.07 16.07
CA THR A 268 -5.34 -1.76 17.00
C THR A 268 -5.26 -0.28 17.30
N VAL A 269 -5.30 0.56 16.27
CA VAL A 269 -5.25 2.00 16.51
C VAL A 269 -6.52 2.48 17.19
N ASP A 270 -7.60 1.71 17.11
CA ASP A 270 -8.84 2.03 17.81
C ASP A 270 -8.86 1.50 19.24
N ASN A 271 -7.77 0.87 19.68
CA ASN A 271 -7.67 0.32 21.03
C ASN A 271 -8.70 -0.78 21.29
N VAL A 272 -8.91 -1.63 20.29
CA VAL A 272 -9.75 -2.81 20.41
C VAL A 272 -8.85 -4.04 20.45
N HIS A 273 -9.03 -4.87 21.48
CA HIS A 273 -8.30 -6.11 21.63
C HIS A 273 -9.30 -7.18 22.04
N LEU A 274 -9.47 -8.19 21.18
CA LEU A 274 -10.54 -9.17 21.35
C LEU A 274 -10.16 -10.34 22.26
N PRO A 278 -15.73 -12.78 24.92
CA PRO A 278 -17.13 -12.54 25.24
C PRO A 278 -17.50 -11.08 25.02
N VAL A 279 -17.85 -10.72 23.79
CA VAL A 279 -18.01 -9.32 23.41
C VAL A 279 -19.35 -8.79 23.91
N GLN A 280 -19.29 -7.71 24.70
CA GLN A 280 -20.51 -7.12 25.22
C GLN A 280 -21.03 -6.02 24.28
N GLU A 281 -22.17 -5.44 24.66
CA GLU A 281 -22.95 -4.62 23.74
C GLU A 281 -22.16 -3.44 23.18
N GLY A 282 -21.44 -2.72 24.05
CA GLY A 282 -20.72 -1.54 23.57
C GLY A 282 -19.68 -1.86 22.52
N LEU A 283 -18.90 -2.92 22.73
CA LEU A 283 -17.90 -3.32 21.75
C LEU A 283 -18.55 -3.93 20.52
N ARG A 284 -19.64 -4.68 20.69
CA ARG A 284 -20.36 -5.21 19.55
C ARG A 284 -20.82 -4.08 18.63
N LEU A 285 -21.47 -3.07 19.21
CA LEU A 285 -21.92 -1.93 18.41
C LEU A 285 -20.74 -1.18 17.79
N TYR A 286 -19.62 -1.08 18.52
CA TYR A 286 -18.45 -0.41 17.97
C TYR A 286 -17.94 -1.13 16.73
N ILE A 287 -17.80 -2.46 16.82
CA ILE A 287 -17.29 -3.24 15.69
C ILE A 287 -18.26 -3.19 14.51
N GLN A 288 -19.57 -3.31 14.78
CA GLN A 288 -20.52 -3.26 13.67
C GLN A 288 -20.52 -1.90 13.02
N ASN A 289 -20.42 -0.84 13.81
CA ASN A 289 -20.37 0.51 13.25
CA ASN A 289 -20.37 0.49 13.24
C ASN A 289 -19.10 0.71 12.42
N LEU A 290 -17.97 0.13 12.86
CA LEU A 290 -16.75 0.24 12.06
C LEU A 290 -16.94 -0.38 10.68
N GLY A 291 -17.51 -1.58 10.64
CA GLY A 291 -17.74 -2.23 9.34
C GLY A 291 -18.69 -1.44 8.48
N ARG A 292 -19.75 -0.88 9.09
CA ARG A 292 -20.69 -0.04 8.36
C ARG A 292 -20.00 1.20 7.81
N GLU A 293 -19.16 1.84 8.61
CA GLU A 293 -18.48 3.05 8.14
C GLU A 293 -17.52 2.74 7.01
N LEU A 294 -16.75 1.65 7.13
CA LEU A 294 -15.84 1.27 6.06
C LEU A 294 -16.62 1.02 4.78
N ARG A 295 -17.70 0.24 4.88
CA ARG A 295 -18.53 -0.04 3.72
C ARG A 295 -19.05 1.26 3.10
N HIS A 296 -19.48 2.21 3.94
CA HIS A 296 -19.97 3.49 3.41
C HIS A 296 -18.88 4.22 2.62
N THR A 297 -17.64 4.22 3.11
CA THR A 297 -16.58 4.92 2.39
C THR A 297 -16.26 4.28 1.04
N LEU A 298 -16.62 3.01 0.84
CA LEU A 298 -16.34 2.33 -0.40
C LEU A 298 -17.52 2.35 -1.37
N LYS A 299 -18.64 2.96 -0.99
CA LYS A 299 -19.86 2.92 -1.80
C LYS A 299 -19.62 3.42 -3.22
N ASP A 300 -18.83 4.47 -3.36
CA ASP A 300 -18.55 5.11 -4.64
C ASP A 300 -17.12 4.84 -5.10
N VAL A 301 -16.55 3.73 -4.66
CA VAL A 301 -15.25 3.28 -5.17
C VAL A 301 -15.54 2.13 -6.12
N PRO A 302 -15.51 2.35 -7.44
CA PRO A 302 -16.02 1.31 -8.34
C PRO A 302 -15.21 0.04 -8.36
N ALA A 303 -13.90 0.10 -8.10
CA ALA A 303 -13.05 -1.08 -8.12
C ALA A 303 -12.57 -1.32 -6.69
N SER A 304 -13.19 -2.29 -6.02
CA SER A 304 -12.89 -2.52 -4.61
C SER A 304 -13.24 -3.95 -4.24
N PHE A 305 -12.54 -4.46 -3.24
CA PHE A 305 -12.73 -5.82 -2.74
C PHE A 305 -12.61 -5.73 -1.22
N ALA A 306 -13.72 -5.92 -0.52
CA ALA A 306 -13.79 -5.62 0.91
C ALA A 306 -14.56 -6.70 1.64
N PRO A 307 -13.89 -7.79 2.01
CA PRO A 307 -14.55 -8.89 2.73
C PRO A 307 -14.73 -8.59 4.21
N ALA A 308 -15.81 -9.16 4.75
CA ALA A 308 -16.15 -9.00 6.18
C ALA A 308 -15.34 -9.99 7.03
N CYS A 309 -14.04 -9.67 7.18
CA CYS A 309 -13.12 -10.50 7.94
C CYS A 309 -12.24 -9.64 8.84
N LEU A 310 -11.82 -10.24 9.95
CA LEU A 310 -10.83 -9.68 10.85
C LEU A 310 -9.49 -10.22 10.39
N SER A 311 -8.71 -9.39 9.71
CA SER A 311 -7.42 -9.81 9.14
C SER A 311 -6.63 -8.56 8.76
N HIS A 312 -5.48 -8.75 8.12
CA HIS A 312 -4.64 -7.63 7.71
C HIS A 312 -3.75 -8.09 6.57
N GLU A 313 -3.80 -7.34 5.46
CA GLU A 313 -3.09 -7.64 4.21
C GLU A 313 -3.69 -8.82 3.47
N ILE A 314 -3.50 -8.87 2.15
CA ILE A 314 -3.95 -10.01 1.36
C ILE A 314 -3.08 -10.31 0.13
N ILE A 315 -2.63 -9.27 -0.58
CA ILE A 315 -2.19 -9.52 -1.96
C ILE A 315 -0.87 -10.30 -2.08
N ILE A 316 0.02 -10.29 -1.08
CA ILE A 316 1.24 -11.09 -1.19
C ILE A 316 1.16 -12.36 -0.34
N ARG A 317 -0.01 -12.71 0.17
CA ARG A 317 -0.18 -13.96 0.88
C ARG A 317 -0.34 -15.10 -0.12
N SER A 318 0.29 -16.25 0.19
CA SER A 318 0.27 -17.36 -0.75
C SER A 318 -1.15 -17.87 -1.00
N HIS A 319 -2.04 -17.78 -0.01
CA HIS A 319 -3.41 -18.25 -0.18
C HIS A 319 -4.38 -17.12 -0.49
N TRP A 320 -3.87 -16.04 -1.10
CA TRP A 320 -4.72 -14.89 -1.42
C TRP A 320 -5.86 -15.23 -2.37
N THR A 321 -5.76 -16.33 -3.11
CA THR A 321 -6.82 -16.73 -4.04
C THR A 321 -8.04 -17.28 -3.34
N ASP A 322 -7.98 -17.54 -2.04
CA ASP A 322 -9.03 -18.31 -1.37
C ASP A 322 -10.25 -17.47 -1.03
N VAL A 323 -10.05 -16.21 -0.64
CA VAL A 323 -11.17 -15.39 -0.17
C VAL A 323 -12.01 -14.96 -1.37
N GLN A 324 -13.33 -14.93 -1.17
CA GLN A 324 -14.26 -14.52 -2.20
C GLN A 324 -15.30 -13.60 -1.58
N VAL A 325 -15.76 -12.64 -2.36
CA VAL A 325 -16.92 -11.82 -2.00
C VAL A 325 -17.97 -12.07 -3.08
N LYS A 326 -19.17 -12.47 -2.65
CA LYS A 326 -20.25 -12.76 -3.60
C LYS A 326 -19.82 -13.79 -4.64
N GLY A 327 -19.00 -14.75 -4.22
CA GLY A 327 -18.52 -15.81 -5.08
C GLY A 327 -17.40 -15.45 -6.04
N THR A 328 -16.81 -14.26 -5.91
CA THR A 328 -15.75 -13.81 -6.80
C THR A 328 -14.46 -13.59 -6.00
N SER A 329 -13.37 -14.19 -6.46
CA SER A 329 -12.09 -14.05 -5.79
C SER A 329 -11.42 -12.73 -6.17
N LEU A 330 -10.38 -12.38 -5.41
CA LEU A 330 -9.64 -11.15 -5.71
C LEU A 330 -8.90 -11.25 -7.04
N PRO A 331 -8.17 -12.32 -7.37
CA PRO A 331 -7.56 -12.39 -8.70
C PRO A 331 -8.58 -12.24 -9.80
N ARG A 332 -9.79 -12.81 -9.65
CA ARG A 332 -10.81 -12.61 -10.68
C ARG A 332 -11.21 -11.14 -10.75
N ALA A 333 -11.50 -10.52 -9.61
CA ALA A 333 -11.89 -9.10 -9.61
C ALA A 333 -10.83 -8.23 -10.27
N LEU A 334 -9.55 -8.50 -10.00
CA LEU A 334 -8.48 -7.74 -10.64
C LEU A 334 -8.48 -7.96 -12.15
N HIS A 335 -8.70 -9.21 -12.59
CA HIS A 335 -8.83 -9.48 -14.01
C HIS A 335 -10.00 -8.72 -14.63
N CYS A 336 -11.14 -8.68 -13.92
CA CYS A 336 -12.29 -7.93 -14.42
C CYS A 336 -11.98 -6.44 -14.49
N TRP A 337 -11.21 -5.95 -13.53
CA TRP A 337 -10.74 -4.56 -13.55
C TRP A 337 -9.92 -4.29 -14.79
N ASP A 338 -8.97 -5.19 -15.10
CA ASP A 338 -8.19 -5.07 -16.32
C ASP A 338 -9.11 -4.97 -17.53
N ARG A 339 -10.12 -5.83 -17.59
CA ARG A 339 -11.04 -5.81 -18.74
C ARG A 339 -11.81 -4.51 -18.80
N SER A 340 -12.22 -4.00 -17.64
CA SER A 340 -12.98 -2.75 -17.61
C SER A 340 -12.15 -1.56 -18.09
N LEU A 341 -10.83 -1.66 -18.04
CA LEU A 341 -9.94 -0.57 -18.41
C LEU A 341 -9.44 -0.68 -19.84
N HIS A 342 -9.84 -1.72 -20.56
CA HIS A 342 -9.54 -1.82 -22.00
C HIS A 342 -10.10 -0.58 -22.69
N LEU A 352 -19.55 -5.51 -17.12
CA LEU A 352 -19.20 -6.80 -17.69
C LEU A 352 -20.03 -7.91 -17.06
N LYS A 353 -20.64 -8.72 -17.92
CA LYS A 353 -21.48 -9.83 -17.49
C LYS A 353 -20.67 -10.85 -16.71
N GLY A 354 -21.01 -11.05 -15.44
CA GLY A 354 -20.34 -12.07 -14.64
C GLY A 354 -18.89 -11.78 -14.32
N CYS A 355 -18.44 -10.53 -14.47
CA CYS A 355 -17.06 -10.15 -14.20
C CYS A 355 -17.08 -8.85 -13.38
N PRO A 356 -17.42 -8.95 -12.10
CA PRO A 356 -17.61 -7.75 -11.30
C PRO A 356 -16.29 -7.17 -10.81
N VAL A 357 -16.33 -5.86 -10.53
N VAL A 357 -16.30 -5.86 -10.53
CA VAL A 357 -15.18 -5.14 -10.00
CA VAL A 357 -15.14 -5.20 -9.94
C VAL A 357 -15.45 -4.50 -8.66
C VAL A 357 -15.44 -4.53 -8.62
N HIS A 358 -16.70 -4.32 -8.26
CA HIS A 358 -17.08 -3.69 -7.00
C HIS A 358 -17.65 -4.78 -6.10
N LEU A 359 -16.87 -5.19 -5.10
CA LEU A 359 -17.20 -6.37 -4.30
C LEU A 359 -17.00 -6.04 -2.82
N VAL A 360 -18.09 -5.59 -2.18
CA VAL A 360 -18.05 -5.16 -0.79
C VAL A 360 -19.05 -6.02 -0.02
N ASP A 361 -18.59 -6.71 1.01
CA ASP A 361 -19.50 -7.53 1.81
C ASP A 361 -20.49 -6.63 2.54
N SER A 362 -21.71 -7.14 2.72
CA SER A 362 -22.72 -6.42 3.48
C SER A 362 -23.01 -7.07 4.83
N CYS A 363 -22.49 -8.26 5.10
CA CYS A 363 -22.83 -8.86 6.37
C CYS A 363 -22.00 -8.18 7.48
N PRO A 364 -22.53 -8.11 8.70
CA PRO A 364 -22.07 -7.09 9.66
C PRO A 364 -21.07 -7.55 10.73
N TRP A 365 -20.54 -8.78 10.67
CA TRP A 365 -19.65 -9.25 11.74
C TRP A 365 -18.48 -10.01 11.15
N PRO A 366 -17.29 -9.91 11.75
CA PRO A 366 -16.14 -10.63 11.18
C PRO A 366 -16.40 -12.12 11.05
N HIS A 367 -16.00 -12.68 9.91
CA HIS A 367 -16.19 -14.08 9.56
C HIS A 367 -17.63 -14.44 9.22
N CYS A 368 -18.50 -13.45 8.98
CA CYS A 368 -19.79 -13.76 8.39
C CYS A 368 -19.65 -14.20 6.94
N ASN A 369 -18.52 -13.89 6.32
CA ASN A 369 -18.12 -14.47 5.05
C ASN A 369 -17.39 -15.78 5.33
N PRO A 370 -17.87 -16.92 4.85
CA PRO A 370 -17.22 -18.20 5.18
C PRO A 370 -15.82 -18.36 4.58
N SER A 371 -15.46 -17.55 3.58
CA SER A 371 -14.15 -17.68 2.96
C SER A 371 -13.06 -16.88 3.65
N CYS A 372 -13.36 -16.28 4.81
CA CYS A 372 -12.36 -15.49 5.53
C CYS A 372 -11.17 -16.37 5.92
N PRO A 373 -9.97 -15.77 6.00
CA PRO A 373 -8.80 -16.55 6.43
C PRO A 373 -9.01 -17.15 7.82
N THR A 374 -8.42 -18.32 8.03
CA THR A 374 -8.60 -19.04 9.28
C THR A 374 -7.62 -18.61 10.36
N GLY A 375 -6.45 -18.12 9.98
CA GLY A 375 -5.40 -17.81 10.94
C GLY A 375 -4.39 -18.93 11.02
S SO4 B . 15.99 -6.91 12.15
O1 SO4 B . 15.94 -6.02 13.32
O2 SO4 B . 15.63 -8.27 12.57
O3 SO4 B . 15.11 -6.43 11.09
O4 SO4 B . 17.36 -6.96 11.66
S SO4 C . 16.44 13.88 15.18
O1 SO4 C . 15.25 14.64 15.57
O2 SO4 C . 17.35 13.82 16.32
O3 SO4 C . 16.04 12.52 14.81
O4 SO4 C . 17.07 14.52 14.04
C1 NAG D . 19.69 11.39 -7.07
C2 NAG D . 19.64 12.30 -8.30
C3 NAG D . 19.45 13.76 -7.88
C4 NAG D . 18.24 13.91 -6.96
C5 NAG D . 18.34 12.93 -5.78
C6 NAG D . 17.10 12.91 -4.92
C7 NAG D . 20.98 11.19 -10.03
C8 NAG D . 22.28 11.19 -10.77
N2 NAG D . 20.83 12.15 -9.11
O3 NAG D . 19.25 14.55 -9.03
O4 NAG D . 18.18 15.23 -6.46
O5 NAG D . 18.52 11.59 -6.27
O6 NAG D . 16.02 12.24 -5.55
O7 NAG D . 20.11 10.34 -10.23
S DMS E . -10.08 6.54 -9.19
O DMS E . -9.93 5.05 -9.45
C1 DMS E . -9.63 7.52 -10.64
C2 DMS E . -8.81 7.12 -8.03
C07 RDO F . 0.03 -0.86 9.54
C08 RDO F . -0.04 0.51 8.89
C11 RDO F . -1.98 1.33 10.39
C12 RDO F . -2.67 2.66 10.55
C13 RDO F . -2.14 3.56 9.44
C14 RDO F . -1.15 2.87 8.74
C15 RDO F . -0.51 3.47 7.63
C16 RDO F . -0.85 4.76 7.24
C17 RDO F . -1.83 5.46 7.95
C18 RDO F . -2.49 4.87 9.03
C19 RDO F . -3.53 5.72 9.73
F20 RDO F . -2.82 6.55 10.54
F21 RDO F . -4.42 5.04 10.50
F22 RDO F . -4.16 6.45 8.77
N10 RDO F . -1.00 1.52 9.33
O09 RDO F . 0.71 0.77 8.01
S SO4 G . -13.70 -4.76 26.50
O1 SO4 G . -13.32 -5.21 27.83
O2 SO4 G . -14.73 -3.73 26.62
O3 SO4 G . -14.25 -5.90 25.74
O4 SO4 G . -12.53 -4.23 25.78
S SO4 H . -7.25 21.21 -10.79
O1 SO4 H . -6.38 22.30 -10.33
O2 SO4 H . -7.77 20.51 -9.62
O3 SO4 H . -8.35 21.77 -11.58
O4 SO4 H . -6.49 20.28 -11.63
S SO4 I . 3.46 16.70 -6.60
O1 SO4 I . 3.62 18.12 -6.23
O2 SO4 I . 4.75 16.02 -6.47
O3 SO4 I . 2.48 16.06 -5.72
O4 SO4 I . 2.99 16.62 -7.97
#